data_6QCE
#
_entry.id   6QCE
#
_cell.length_a   91.413
_cell.length_b   91.413
_cell.length_c   144.158
_cell.angle_alpha   90.00
_cell.angle_beta   90.00
_cell.angle_gamma   120.00
#
_symmetry.space_group_name_H-M   'P 63'
#
loop_
_entity.id
_entity.type
_entity.pdbx_description
1 polymer 'NAD-dependent protein deacetylase sirtuin-6'
2 non-polymer '[(2R,3S,4R,5R)-5-(6-AMINOPURIN-9-YL)-3,4-DIHYDROXY-OXOLAN-2-YL]METHYL [HYDROXY-[[(2R,3S,4R,5S)-3,4,5-TRIHYDROXYOXOLAN-2-YL]METHOXY]PHOSPHORYL] HYDROGEN PHOSPHATE'
3 non-polymer 'ZINC ION'
4 non-polymer 'SULFATE ION'
5 non-polymer isoquercetin
6 non-polymer 1,2-ETHANEDIOL
7 water water
#
_entity_poly.entity_id   1
_entity_poly.type   'polypeptide(L)'
_entity_poly.pdbx_seq_one_letter_code
;GIDPFTADKGKCGLPEIFDPPEELERKVWELARLVWQSSSVVFHTGAGISTASGIPDFRGPHGVWTMEERGLAPKFDTTF
ESARPTQTHMALVQLERVGLLRFLVSQNVDGLHVRSGFPRDKLAELHGNMFVEECAKCKTQYVRDTVVGTMGLKATGRLC
TVAKARGLRACRGELRDTILDWEDSLPDRDLALADEASRNADLSITLGTSLQIRPSGNLPLATKRRGGRLVIVNLQPTKH
DRHADLRIHGYVDEVMTRLMKHLGLEIPAWDGPRVLERALPPLPRPPTPKLEPKEESPTRIN
;
_entity_poly.pdbx_strand_id   A,B
#
loop_
_chem_comp.id
_chem_comp.type
_chem_comp.name
_chem_comp.formula
AR6 non-polymer '[(2R,3S,4R,5R)-5-(6-AMINOPURIN-9-YL)-3,4-DIHYDROXY-OXOLAN-2-YL]METHYL [HYDROXY-[[(2R,3S,4R,5S)-3,4,5-TRIHYDROXYOXOLAN-2-YL]METHOXY]PHOSPHORYL] HYDROGEN PHOSPHATE' 'C15 H23 N5 O14 P2'
EDO non-polymer 1,2-ETHANEDIOL 'C2 H6 O2'
HW2 non-polymer isoquercetin 'C21 H20 O12'
SO4 non-polymer 'SULFATE ION' 'O4 S -2'
ZN non-polymer 'ZINC ION' 'Zn 2'
#
# COMPACT_ATOMS: atom_id res chain seq x y z
N PRO A 4 -16.88 26.83 1.94
CA PRO A 4 -17.12 25.40 2.25
C PRO A 4 -17.62 24.56 1.05
N PHE A 5 -18.68 25.02 0.39
CA PHE A 5 -19.07 24.64 -0.98
C PHE A 5 -18.17 25.39 -1.97
N THR A 6 -17.97 26.70 -1.74
CA THR A 6 -17.08 27.61 -2.52
C THR A 6 -15.69 27.68 -1.87
N ALA A 7 -15.47 26.94 -0.76
CA ALA A 7 -14.15 26.78 -0.09
C ALA A 7 -13.07 26.68 -1.18
N ASP A 8 -12.00 27.49 -1.06
CA ASP A 8 -10.87 27.51 -2.02
C ASP A 8 -10.03 26.23 -1.86
N LYS A 9 -9.95 25.43 -2.92
CA LYS A 9 -9.28 24.10 -2.86
C LYS A 9 -7.83 24.26 -3.34
N GLY A 10 -7.42 25.42 -3.81
CA GLY A 10 -6.07 25.72 -4.30
C GLY A 10 -5.80 25.14 -5.67
N LYS A 11 -4.53 24.99 -6.00
CA LYS A 11 -4.08 24.56 -7.33
C LYS A 11 -4.14 23.05 -7.34
N CYS A 12 -4.94 22.49 -8.23
CA CYS A 12 -5.24 21.03 -8.25
C CYS A 12 -4.75 20.45 -9.58
N GLY A 13 -4.23 19.22 -9.57
CA GLY A 13 -3.83 18.50 -10.81
C GLY A 13 -2.70 19.15 -11.59
N LEU A 14 -1.74 19.82 -10.93
CA LEU A 14 -0.48 20.26 -11.58
C LEU A 14 0.26 19.03 -12.10
N PRO A 15 1.02 19.16 -13.21
CA PRO A 15 1.84 18.07 -13.74
C PRO A 15 2.85 17.51 -12.72
N GLU A 16 3.16 16.23 -12.84
CA GLU A 16 4.12 15.56 -11.91
C GLU A 16 5.50 15.81 -12.51
N ILE A 17 6.52 15.93 -11.67
CA ILE A 17 7.96 15.98 -12.08
C ILE A 17 8.62 14.69 -11.59
N PHE A 18 9.46 14.06 -12.42
CA PHE A 18 10.32 12.93 -12.03
C PHE A 18 11.77 13.30 -12.28
N ASP A 19 12.57 13.44 -11.22
CA ASP A 19 14.03 13.55 -11.37
C ASP A 19 14.49 12.27 -12.07
N PRO A 20 15.42 12.29 -13.04
CA PRO A 20 15.98 11.07 -13.59
C PRO A 20 16.78 10.30 -12.54
N PRO A 21 17.00 8.99 -12.73
CA PRO A 21 17.63 8.13 -11.73
C PRO A 21 18.96 8.65 -11.15
N GLU A 22 19.85 9.19 -11.97
CA GLU A 22 21.20 9.63 -11.55
C GLU A 22 21.07 10.83 -10.62
N GLU A 23 20.19 11.77 -10.99
CA GLU A 23 19.91 12.98 -10.17
C GLU A 23 19.17 12.57 -8.88
N LEU A 24 18.19 11.67 -8.98
CA LEU A 24 17.43 11.16 -7.83
C LEU A 24 18.42 10.52 -6.84
N GLU A 25 19.31 9.62 -7.28
CA GLU A 25 20.35 8.98 -6.41
C GLU A 25 21.27 10.03 -5.77
N ARG A 26 21.65 11.07 -6.50
CA ARG A 26 22.58 12.10 -5.99
C ARG A 26 21.81 12.95 -4.96
N LYS A 27 20.56 13.31 -5.21
CA LYS A 27 19.82 14.13 -4.19
C LYS A 27 19.51 13.32 -2.94
N VAL A 28 19.28 12.03 -3.02
CA VAL A 28 19.06 11.23 -1.76
C VAL A 28 20.34 11.12 -0.94
N TRP A 29 21.49 11.01 -1.60
CA TRP A 29 22.80 11.11 -0.90
C TRP A 29 22.91 12.44 -0.15
N GLU A 30 22.57 13.53 -0.79
CA GLU A 30 22.62 14.89 -0.18
C GLU A 30 21.64 14.98 0.99
N LEU A 31 20.46 14.36 0.86
CA LEU A 31 19.50 14.30 1.97
C LEU A 31 20.15 13.54 3.14
N ALA A 32 20.80 12.43 2.88
CA ALA A 32 21.55 11.67 3.93
C ALA A 32 22.56 12.55 4.66
N ARG A 33 23.45 13.19 3.89
CA ARG A 33 24.44 14.20 4.34
C ARG A 33 23.72 15.21 5.23
N LEU A 34 22.63 15.87 4.80
CA LEU A 34 21.86 16.82 5.69
C LEU A 34 21.34 16.17 6.98
N VAL A 35 20.82 14.96 6.89
CA VAL A 35 20.27 14.28 8.07
C VAL A 35 21.43 13.98 9.05
N TRP A 36 22.59 13.59 8.55
CA TRP A 36 23.80 13.26 9.35
C TRP A 36 24.28 14.52 10.07
N GLN A 37 24.33 15.64 9.37
CA GLN A 37 24.84 16.94 9.91
C GLN A 37 23.87 17.65 10.84
N SER A 38 22.60 17.28 10.88
CA SER A 38 21.58 18.14 11.54
C SER A 38 21.49 17.80 13.02
N SER A 39 21.26 18.80 13.87
CA SER A 39 21.03 18.56 15.33
C SER A 39 19.58 18.15 15.57
N SER A 40 18.66 18.73 14.82
CA SER A 40 17.22 18.67 15.16
C SER A 40 16.39 18.55 13.85
N VAL A 41 16.00 17.33 13.48
CA VAL A 41 15.24 17.04 12.22
C VAL A 41 13.74 16.94 12.50
N VAL A 42 12.95 17.70 11.76
CA VAL A 42 11.49 17.73 11.84
C VAL A 42 10.96 17.35 10.46
N PHE A 43 10.04 16.41 10.47
CA PHE A 43 9.40 15.92 9.22
C PHE A 43 7.97 16.44 9.21
N HIS A 44 7.51 16.81 8.02
CA HIS A 44 6.22 17.41 7.68
C HIS A 44 5.58 16.52 6.61
N THR A 45 4.51 15.86 6.93
CA THR A 45 3.84 14.87 6.04
C THR A 45 2.42 15.36 5.63
N GLY A 46 2.03 15.10 4.40
CA GLY A 46 0.68 15.27 3.86
C GLY A 46 0.33 13.97 3.11
N ALA A 47 -0.70 14.05 2.29
CA ALA A 47 -1.55 12.91 1.84
C ALA A 47 -0.76 12.03 0.85
N GLY A 48 0.23 12.61 0.21
CA GLY A 48 1.18 11.92 -0.66
C GLY A 48 1.88 10.76 0.01
N ILE A 49 2.03 10.74 1.34
CA ILE A 49 2.67 9.53 1.96
C ILE A 49 1.68 8.37 2.13
N SER A 50 0.38 8.51 1.80
CA SER A 50 -0.58 7.42 2.03
C SER A 50 -1.17 6.96 0.71
N THR A 51 -0.77 7.58 -0.38
CA THR A 51 -1.29 7.15 -1.70
C THR A 51 -0.88 5.72 -2.01
N ALA A 52 0.32 5.27 -1.61
CA ALA A 52 0.80 3.89 -1.88
C ALA A 52 0.17 2.88 -0.89
N SER A 53 -0.73 3.29 0.02
CA SER A 53 -1.64 2.39 0.80
C SER A 53 -3.10 2.42 0.30
N GLY A 54 -3.37 3.04 -0.90
CA GLY A 54 -4.65 3.05 -1.57
C GLY A 54 -5.54 4.25 -1.22
N ILE A 55 -5.05 5.17 -0.40
CA ILE A 55 -5.83 6.39 -0.01
C ILE A 55 -5.40 7.52 -0.92
N PRO A 56 -6.34 8.15 -1.68
CA PRO A 56 -5.98 9.13 -2.66
C PRO A 56 -5.66 10.45 -1.93
N ASP A 57 -4.78 11.22 -2.54
CA ASP A 57 -4.44 12.59 -2.03
C ASP A 57 -5.56 13.54 -2.43
N PHE A 58 -5.32 14.86 -2.22
CA PHE A 58 -6.30 15.94 -2.53
C PHE A 58 -6.07 16.57 -3.94
N ARG A 59 -4.82 16.85 -4.32
CA ARG A 59 -4.54 17.76 -5.42
C ARG A 59 -3.64 17.09 -6.41
N GLY A 60 -3.32 15.80 -6.21
CA GLY A 60 -2.56 15.07 -7.25
C GLY A 60 -3.40 14.83 -8.49
N PRO A 61 -2.90 14.15 -9.54
CA PRO A 61 -3.69 14.00 -10.75
C PRO A 61 -5.04 13.34 -10.51
N HIS A 62 -5.12 12.35 -9.61
CA HIS A 62 -6.38 11.66 -9.25
C HIS A 62 -6.77 11.95 -7.80
N GLY A 63 -6.31 13.07 -7.29
CA GLY A 63 -6.74 13.54 -5.98
C GLY A 63 -8.21 13.85 -5.89
N VAL A 64 -8.73 13.83 -4.67
CA VAL A 64 -10.14 14.17 -4.34
C VAL A 64 -10.61 15.44 -5.07
N TRP A 65 -10.01 16.59 -4.78
CA TRP A 65 -10.40 17.90 -5.37
C TRP A 65 -10.14 17.97 -6.87
N THR A 66 -9.00 17.47 -7.40
CA THR A 66 -8.68 17.36 -8.85
C THR A 66 -9.84 16.64 -9.58
N MET A 67 -10.26 15.51 -9.04
CA MET A 67 -11.32 14.63 -9.63
C MET A 67 -12.65 15.39 -9.57
N GLU A 68 -12.95 16.00 -8.43
CA GLU A 68 -14.18 16.79 -8.24
C GLU A 68 -14.26 17.90 -9.32
N GLU A 69 -13.15 18.61 -9.57
CA GLU A 69 -13.07 19.70 -10.58
C GLU A 69 -13.44 19.18 -11.95
N ARG A 70 -13.17 17.90 -12.22
CA ARG A 70 -13.47 17.28 -13.52
C ARG A 70 -14.74 16.44 -13.44
N GLY A 71 -15.60 16.66 -12.45
CA GLY A 71 -16.83 15.88 -12.21
C GLY A 71 -16.59 14.38 -12.09
N LEU A 72 -15.42 13.91 -11.63
CA LEU A 72 -15.22 12.46 -11.35
C LEU A 72 -15.06 12.29 -9.86
N ALA A 73 -15.00 11.05 -9.38
CA ALA A 73 -14.93 10.74 -7.94
C ALA A 73 -13.51 10.29 -7.65
N PRO A 74 -12.98 10.48 -6.42
CA PRO A 74 -11.72 9.83 -6.07
C PRO A 74 -11.97 8.33 -5.97
N LYS A 75 -10.91 7.55 -5.90
CA LYS A 75 -10.98 6.08 -5.74
C LYS A 75 -10.10 5.69 -4.55
N PHE A 76 -10.69 5.01 -3.58
CA PHE A 76 -9.98 4.34 -2.45
C PHE A 76 -9.79 2.86 -2.77
N ASP A 77 -8.56 2.36 -2.55
CA ASP A 77 -8.24 0.93 -2.77
C ASP A 77 -8.27 0.24 -1.40
N THR A 78 -8.74 0.95 -0.37
CA THR A 78 -8.76 0.45 1.01
C THR A 78 -9.81 1.18 1.86
N THR A 79 -10.22 0.58 2.97
CA THR A 79 -10.93 1.40 3.99
C THR A 79 -9.89 2.09 4.87
N PHE A 80 -10.28 3.09 5.64
CA PHE A 80 -9.26 3.61 6.58
C PHE A 80 -8.82 2.52 7.52
N GLU A 81 -9.76 1.69 7.98
CA GLU A 81 -9.52 0.62 8.95
C GLU A 81 -8.60 -0.47 8.39
N SER A 82 -8.66 -0.77 7.10
CA SER A 82 -7.77 -1.80 6.50
C SER A 82 -6.50 -1.22 5.88
N ALA A 83 -6.27 0.09 6.00
CA ALA A 83 -5.12 0.73 5.36
C ALA A 83 -3.90 0.29 6.16
N ARG A 84 -2.87 -0.14 5.46
CA ARG A 84 -1.57 -0.41 6.12
C ARG A 84 -0.63 0.78 5.99
N PRO A 85 0.15 1.08 7.05
CA PRO A 85 1.26 2.03 6.95
C PRO A 85 2.16 1.64 5.79
N THR A 86 2.58 2.65 5.03
CA THR A 86 3.56 2.54 3.95
C THR A 86 4.97 2.33 4.53
N GLN A 87 5.89 2.01 3.64
CA GLN A 87 7.38 2.03 3.87
C GLN A 87 7.82 3.38 4.47
N THR A 88 7.27 4.46 3.96
CA THR A 88 7.58 5.85 4.43
C THR A 88 7.14 5.99 5.85
N HIS A 89 5.89 5.60 6.16
CA HIS A 89 5.37 5.56 7.54
C HIS A 89 6.32 4.83 8.50
N MET A 90 6.64 3.55 8.20
CA MET A 90 7.54 2.73 8.99
C MET A 90 8.97 3.27 9.05
N ALA A 91 9.54 3.91 7.99
CA ALA A 91 10.86 4.52 8.03
C ALA A 91 10.83 5.62 9.12
N LEU A 92 9.71 6.32 9.22
CA LEU A 92 9.56 7.51 10.17
C LEU A 92 9.51 7.01 11.63
N VAL A 93 8.90 5.84 11.83
CA VAL A 93 8.89 5.09 13.14
C VAL A 93 10.36 4.81 13.51
N GLN A 94 11.14 4.25 12.60
CA GLN A 94 12.52 3.87 12.93
C GLN A 94 13.39 5.10 13.19
N LEU A 95 13.21 6.15 12.42
CA LEU A 95 14.09 7.35 12.47
C LEU A 95 13.81 7.99 13.84
N GLU A 96 12.59 7.94 14.29
CA GLU A 96 12.29 8.47 15.66
C GLU A 96 12.98 7.56 16.70
N ARG A 97 12.90 6.26 16.55
CA ARG A 97 13.36 5.33 17.63
C ARG A 97 14.88 5.43 17.77
N VAL A 98 15.60 5.79 16.72
CA VAL A 98 17.08 5.84 16.83
C VAL A 98 17.52 7.27 17.08
N GLY A 99 16.57 8.21 17.30
CA GLY A 99 16.90 9.61 17.65
C GLY A 99 17.21 10.53 16.45
N LEU A 100 16.94 10.15 15.20
CA LEU A 100 17.24 11.01 14.03
C LEU A 100 16.06 11.90 13.60
N LEU A 101 14.92 11.69 14.21
CA LEU A 101 13.72 12.52 14.02
C LEU A 101 13.42 13.12 15.39
N ARG A 102 13.33 14.43 15.47
CA ARG A 102 12.94 15.11 16.74
C ARG A 102 11.41 15.17 16.86
N PHE A 103 10.72 15.48 15.75
CA PHE A 103 9.27 15.72 15.75
C PHE A 103 8.65 15.46 14.38
N LEU A 104 7.37 15.15 14.40
CA LEU A 104 6.57 14.78 13.20
C LEU A 104 5.32 15.65 13.14
N VAL A 105 5.26 16.47 12.10
CA VAL A 105 4.07 17.30 11.84
C VAL A 105 3.31 16.76 10.63
N SER A 106 2.05 16.43 10.84
CA SER A 106 1.19 15.83 9.79
C SER A 106 -0.11 16.58 9.63
N GLN A 107 -0.44 16.81 8.36
CA GLN A 107 -1.76 17.35 8.01
C GLN A 107 -2.76 16.22 7.83
N ASN A 108 -2.30 14.96 7.92
CA ASN A 108 -3.12 13.80 7.51
C ASN A 108 -4.10 13.40 8.62
N VAL A 109 -5.34 13.12 8.21
CA VAL A 109 -6.45 12.63 9.08
C VAL A 109 -6.58 11.09 9.00
N ASP A 110 -5.80 10.47 8.15
CA ASP A 110 -5.97 9.00 7.86
C ASP A 110 -5.61 8.12 9.07
N GLY A 111 -5.13 8.65 10.22
CA GLY A 111 -4.80 7.82 11.40
C GLY A 111 -3.58 6.89 11.25
N LEU A 112 -2.84 6.89 10.13
CA LEU A 112 -1.77 5.88 9.88
C LEU A 112 -0.49 6.15 10.68
N HIS A 113 -0.12 7.39 10.95
CA HIS A 113 1.04 7.63 11.85
C HIS A 113 0.75 6.96 13.21
N VAL A 114 -0.36 7.28 13.88
CA VAL A 114 -0.68 6.71 15.23
C VAL A 114 -0.68 5.18 15.13
N ARG A 115 -1.40 4.66 14.15
CA ARG A 115 -1.56 3.18 13.97
C ARG A 115 -0.26 2.45 13.63
N SER A 116 0.70 3.12 13.00
CA SER A 116 2.07 2.64 12.69
C SER A 116 2.87 2.41 13.98
N GLY A 117 2.47 2.97 15.12
CA GLY A 117 3.22 2.81 16.39
C GLY A 117 3.99 4.09 16.67
N PHE A 118 3.74 5.17 15.91
CA PHE A 118 4.63 6.36 16.03
C PHE A 118 4.23 7.04 17.35
N PRO A 119 5.18 7.43 18.22
CA PRO A 119 4.76 8.01 19.50
C PRO A 119 4.00 9.34 19.38
N ARG A 120 2.82 9.36 20.01
CA ARG A 120 1.86 10.48 19.96
C ARG A 120 2.45 11.72 20.60
N ASP A 121 3.39 11.58 21.52
CA ASP A 121 4.05 12.80 22.10
C ASP A 121 5.12 13.35 21.17
N LYS A 122 5.43 12.74 20.01
CA LYS A 122 6.34 13.41 19.03
C LYS A 122 5.58 13.73 17.72
N LEU A 123 4.27 13.60 17.73
CA LEU A 123 3.39 13.84 16.61
C LEU A 123 2.39 15.01 16.84
N ALA A 124 2.33 15.96 15.89
CA ALA A 124 1.25 16.96 15.76
C ALA A 124 0.31 16.54 14.62
N GLU A 125 -0.95 16.25 14.92
CA GLU A 125 -2.00 15.98 13.90
C GLU A 125 -2.84 17.24 13.67
N LEU A 126 -2.36 18.07 12.74
CA LEU A 126 -2.82 19.46 12.61
C LEU A 126 -4.29 19.50 12.17
N HIS A 127 -4.80 18.49 11.42
CA HIS A 127 -6.16 18.52 10.85
C HIS A 127 -7.07 17.50 11.59
N GLY A 128 -6.59 16.83 12.65
CA GLY A 128 -7.23 15.76 13.41
C GLY A 128 -6.93 14.35 12.85
N ASN A 129 -7.67 13.41 13.38
CA ASN A 129 -7.47 11.94 13.23
C ASN A 129 -8.86 11.34 13.24
N MET A 130 -9.19 10.71 12.11
CA MET A 130 -10.43 9.93 11.79
CA MET A 130 -10.54 10.13 11.93
C MET A 130 -10.79 9.01 12.95
N PHE A 131 -9.78 8.47 13.65
CA PHE A 131 -9.96 7.41 14.69
C PHE A 131 -9.95 8.04 16.08
N VAL A 132 -9.82 9.36 16.17
CA VAL A 132 -9.67 9.96 17.55
C VAL A 132 -10.91 10.81 17.87
N GLU A 133 -11.53 10.52 19.04
CA GLU A 133 -12.57 11.40 19.64
C GLU A 133 -12.00 12.00 20.93
N GLU A 134 -12.48 13.19 21.26
CA GLU A 134 -11.98 13.98 22.42
C GLU A 134 -13.14 14.39 23.35
N CYS A 135 -12.95 14.34 24.68
CA CYS A 135 -13.99 14.79 25.65
C CYS A 135 -14.00 16.34 25.66
N ALA A 136 -15.14 16.92 25.28
CA ALA A 136 -15.47 18.37 25.40
C ALA A 136 -15.21 18.85 26.84
N LYS A 137 -15.54 18.06 27.87
CA LYS A 137 -15.34 18.46 29.29
C LYS A 137 -13.86 18.35 29.64
N CYS A 138 -13.34 17.14 29.85
CA CYS A 138 -11.98 16.93 30.41
C CYS A 138 -10.87 16.90 29.32
N LYS A 139 -11.22 16.95 28.03
CA LYS A 139 -10.25 16.99 26.88
C LYS A 139 -9.57 15.63 26.66
N THR A 140 -9.96 14.58 27.38
CA THR A 140 -9.33 13.24 27.24
C THR A 140 -9.63 12.75 25.82
N GLN A 141 -8.60 12.27 25.14
CA GLN A 141 -8.67 11.68 23.78
C GLN A 141 -8.75 10.16 23.85
N TYR A 142 -9.53 9.58 22.96
CA TYR A 142 -9.69 8.12 22.81
C TYR A 142 -9.26 7.73 21.39
N VAL A 143 -8.38 6.74 21.27
CA VAL A 143 -7.89 6.29 19.94
C VAL A 143 -8.60 5.00 19.63
N ARG A 144 -9.60 5.08 18.77
CA ARG A 144 -10.55 3.98 18.54
C ARG A 144 -9.94 3.06 17.46
N ASP A 145 -10.40 1.81 17.38
CA ASP A 145 -10.02 0.84 16.30
C ASP A 145 -10.83 1.05 15.01
N THR A 146 -11.82 1.91 15.02
CA THR A 146 -12.64 2.21 13.81
C THR A 146 -12.79 3.70 13.72
N VAL A 147 -13.15 4.20 12.53
CA VAL A 147 -13.28 5.66 12.29
C VAL A 147 -14.46 6.15 13.11
N VAL A 148 -14.27 7.30 13.75
CA VAL A 148 -15.29 8.03 14.55
C VAL A 148 -16.24 8.69 13.52
N GLY A 149 -17.48 8.23 13.49
CA GLY A 149 -18.36 8.39 12.31
C GLY A 149 -18.79 9.81 12.01
N THR A 150 -18.27 10.85 12.69
CA THR A 150 -18.63 12.26 12.41
C THR A 150 -17.38 13.08 12.01
N MET A 151 -17.60 14.17 11.28
CA MET A 151 -16.57 15.21 10.95
C MET A 151 -17.07 16.57 11.41
N GLY A 152 -16.18 17.54 11.58
CA GLY A 152 -16.52 18.93 11.90
C GLY A 152 -16.58 19.21 13.38
N LEU A 153 -16.01 18.35 14.22
CA LEU A 153 -15.97 18.49 15.70
C LEU A 153 -17.37 18.31 16.33
N LYS A 154 -18.17 17.36 15.80
CA LYS A 154 -19.57 17.07 16.28
C LYS A 154 -19.57 16.04 17.42
N ALA A 155 -20.65 15.97 18.21
CA ALA A 155 -20.94 14.85 19.12
C ALA A 155 -20.98 13.54 18.33
N THR A 156 -20.22 12.53 18.79
CA THR A 156 -20.20 11.17 18.17
C THR A 156 -21.37 10.33 18.71
N GLY A 157 -21.86 10.68 19.90
CA GLY A 157 -22.90 9.88 20.59
C GLY A 157 -22.29 9.12 21.76
N ARG A 158 -20.97 9.20 21.97
CA ARG A 158 -20.37 8.44 23.08
C ARG A 158 -20.03 9.41 24.20
N LEU A 159 -20.05 8.92 25.44
CA LEU A 159 -19.70 9.72 26.64
C LEU A 159 -18.33 9.31 27.14
N CYS A 160 -17.66 10.25 27.81
CA CYS A 160 -16.36 10.08 28.50
C CYS A 160 -16.50 9.09 29.66
N THR A 161 -15.52 8.20 29.82
CA THR A 161 -15.45 7.12 30.82
C THR A 161 -14.34 7.41 31.85
N VAL A 162 -13.68 8.57 31.81
CA VAL A 162 -12.64 8.94 32.82
C VAL A 162 -13.23 8.86 34.25
N ALA A 163 -12.39 8.48 35.22
CA ALA A 163 -12.71 8.16 36.64
C ALA A 163 -12.59 9.42 37.51
N CYS A 171 -16.80 11.15 34.62
CA CYS A 171 -16.87 12.47 33.92
C CYS A 171 -18.14 12.59 33.07
N ARG A 172 -18.41 11.60 32.21
CA ARG A 172 -19.59 11.50 31.30
C ARG A 172 -19.68 12.66 30.31
N GLY A 173 -18.59 13.40 30.09
CA GLY A 173 -18.51 14.42 29.03
C GLY A 173 -18.90 13.86 27.67
N GLU A 174 -19.40 14.73 26.78
CA GLU A 174 -19.73 14.45 25.36
C GLU A 174 -18.41 14.25 24.61
N LEU A 175 -18.32 13.16 23.83
CA LEU A 175 -17.15 12.93 22.95
C LEU A 175 -17.49 13.49 21.58
N ARG A 176 -16.51 14.16 20.96
CA ARG A 176 -16.58 14.77 19.61
C ARG A 176 -15.40 14.31 18.75
N ASP A 177 -15.59 14.25 17.44
CA ASP A 177 -14.51 13.94 16.48
C ASP A 177 -13.47 15.05 16.58
N THR A 178 -12.33 14.87 15.91
CA THR A 178 -11.23 15.88 15.89
C THR A 178 -11.02 16.38 14.46
N ILE A 179 -11.92 16.06 13.53
CA ILE A 179 -11.79 16.54 12.12
C ILE A 179 -12.30 17.99 12.01
N LEU A 180 -11.35 18.92 11.81
CA LEU A 180 -11.60 20.36 11.49
C LEU A 180 -12.45 20.43 10.23
N ASP A 181 -13.46 21.31 10.21
CA ASP A 181 -14.06 21.80 8.94
C ASP A 181 -13.23 23.00 8.48
N TRP A 182 -13.40 23.46 7.21
CA TRP A 182 -12.66 24.57 6.58
C TRP A 182 -12.47 25.75 7.55
N GLU A 183 -13.50 26.16 8.31
CA GLU A 183 -13.51 27.45 9.07
C GLU A 183 -12.91 27.26 10.46
N ASP A 184 -12.72 26.01 10.91
CA ASP A 184 -12.21 25.64 12.26
C ASP A 184 -10.74 26.06 12.35
N SER A 185 -10.29 26.54 13.52
CA SER A 185 -8.85 26.81 13.79
C SER A 185 -8.22 25.51 14.31
N LEU A 186 -6.93 25.36 14.04
CA LEU A 186 -6.10 24.16 14.36
C LEU A 186 -6.06 23.92 15.88
N PRO A 187 -6.00 22.66 16.34
CA PRO A 187 -5.78 22.35 17.75
C PRO A 187 -4.56 23.10 18.31
N ASP A 188 -4.76 23.92 19.36
CA ASP A 188 -3.75 24.89 19.88
C ASP A 188 -2.50 24.14 20.33
N ARG A 189 -2.69 23.00 20.97
CA ARG A 189 -1.58 22.17 21.50
C ARG A 189 -0.74 21.66 20.32
N ASP A 190 -1.38 21.02 19.35
CA ASP A 190 -0.65 20.43 18.20
C ASP A 190 0.05 21.57 17.44
N LEU A 191 -0.57 22.74 17.29
CA LEU A 191 0.01 23.82 16.44
C LEU A 191 1.19 24.45 17.17
N ALA A 192 1.07 24.66 18.48
CA ALA A 192 2.12 25.25 19.33
C ALA A 192 3.35 24.36 19.28
N LEU A 193 3.16 23.06 19.47
CA LEU A 193 4.29 22.08 19.43
C LEU A 193 4.88 22.02 18.01
N ALA A 194 4.07 22.02 16.95
CA ALA A 194 4.57 21.95 15.56
C ALA A 194 5.44 23.19 15.32
N ASP A 195 4.90 24.34 15.74
CA ASP A 195 5.54 25.66 15.56
C ASP A 195 6.88 25.67 16.31
N GLU A 196 6.90 25.23 17.58
CA GLU A 196 8.15 25.23 18.37
C GLU A 196 9.15 24.25 17.74
N ALA A 197 8.69 23.05 17.39
CA ALA A 197 9.59 22.07 16.74
C ALA A 197 10.17 22.66 15.46
N SER A 198 9.36 23.34 14.64
CA SER A 198 9.77 23.86 13.30
C SER A 198 10.76 25.04 13.48
N ARG A 199 10.50 25.95 14.42
CA ARG A 199 11.38 27.12 14.72
C ARG A 199 12.77 26.65 15.19
N ASN A 200 12.84 25.61 16.00
CA ASN A 200 14.06 25.06 16.64
C ASN A 200 14.78 24.07 15.72
N ALA A 201 14.12 23.53 14.71
CA ALA A 201 14.76 22.55 13.80
C ALA A 201 15.85 23.25 13.00
N ASP A 202 16.93 22.55 12.64
CA ASP A 202 17.91 23.05 11.66
C ASP A 202 17.73 22.28 10.35
N LEU A 203 16.89 21.24 10.34
CA LEU A 203 16.44 20.59 9.08
C LEU A 203 14.94 20.28 9.17
N SER A 204 14.14 20.77 8.21
CA SER A 204 12.73 20.40 8.00
C SER A 204 12.67 19.68 6.64
N ILE A 205 12.17 18.45 6.63
CA ILE A 205 11.93 17.59 5.40
C ILE A 205 10.41 17.45 5.21
N THR A 206 9.86 17.90 4.08
CA THR A 206 8.47 17.79 3.71
C THR A 206 8.35 16.54 2.80
N LEU A 207 7.32 15.76 2.98
CA LEU A 207 7.06 14.49 2.19
C LEU A 207 5.60 14.47 1.78
N GLY A 208 5.32 14.42 0.47
CA GLY A 208 3.95 14.28 -0.05
C GLY A 208 2.99 15.33 0.47
N THR A 209 3.44 16.58 0.62
CA THR A 209 2.54 17.75 0.83
C THR A 209 2.81 18.84 -0.22
N SER A 210 1.75 19.45 -0.80
CA SER A 210 1.86 20.54 -1.78
C SER A 210 2.04 21.87 -1.01
N LEU A 211 1.86 21.89 0.31
CA LEU A 211 2.18 23.05 1.21
C LEU A 211 1.23 24.24 0.93
N GLN A 212 0.00 23.98 0.50
CA GLN A 212 -0.93 25.04 0.00
C GLN A 212 -1.81 25.54 1.15
N ILE A 213 -1.88 24.80 2.25
CA ILE A 213 -2.83 25.12 3.35
C ILE A 213 -2.03 25.88 4.41
N ARG A 214 -2.59 26.99 4.86
CA ARG A 214 -2.06 27.87 5.91
C ARG A 214 -2.84 27.58 7.19
N PRO A 215 -2.17 27.51 8.36
CA PRO A 215 -0.71 27.66 8.43
C PRO A 215 0.15 26.39 8.28
N SER A 216 -0.47 25.23 8.10
CA SER A 216 0.23 23.91 8.06
C SER A 216 1.43 23.94 7.14
N GLY A 217 1.18 24.37 5.89
CA GLY A 217 2.13 24.46 4.78
C GLY A 217 3.20 25.47 5.02
N ASN A 218 3.02 26.37 6.01
CA ASN A 218 4.04 27.41 6.27
C ASN A 218 5.05 27.00 7.36
N LEU A 219 4.73 26.06 8.25
CA LEU A 219 5.63 25.67 9.37
C LEU A 219 7.02 25.31 8.86
N PRO A 220 7.15 24.52 7.78
CA PRO A 220 8.50 24.18 7.34
C PRO A 220 9.34 25.45 7.10
N LEU A 221 8.75 26.53 6.62
CA LEU A 221 9.47 27.82 6.32
C LEU A 221 10.10 28.39 7.60
N ALA A 222 9.48 28.14 8.74
CA ALA A 222 9.97 28.64 10.05
C ALA A 222 11.36 28.05 10.34
N THR A 223 11.71 26.90 9.75
CA THR A 223 13.04 26.29 9.94
C THR A 223 14.09 27.21 9.30
N LYS A 224 13.75 27.95 8.24
CA LYS A 224 14.71 28.84 7.54
C LYS A 224 15.29 29.93 8.47
N ARG A 225 14.45 30.64 9.24
CA ARG A 225 14.92 31.62 10.27
C ARG A 225 16.05 30.98 11.09
N ARG A 226 17.12 31.72 11.33
CA ARG A 226 18.35 31.25 12.04
C ARG A 226 19.05 30.18 11.18
N GLY A 227 18.76 30.19 9.87
CA GLY A 227 19.59 29.54 8.85
C GLY A 227 19.40 28.05 8.79
N GLY A 228 18.20 27.54 9.14
CA GLY A 228 17.92 26.10 9.03
C GLY A 228 17.77 25.72 7.58
N ARG A 229 17.90 24.42 7.26
CA ARG A 229 17.72 23.90 5.86
C ARG A 229 16.34 23.24 5.69
N LEU A 230 15.84 23.33 4.44
CA LEU A 230 14.49 22.85 4.04
C LEU A 230 14.66 21.95 2.81
N VAL A 231 14.25 20.70 2.97
CA VAL A 231 14.08 19.70 1.87
C VAL A 231 12.58 19.44 1.62
N ILE A 232 12.17 19.51 0.34
CA ILE A 232 10.82 19.20 -0.14
C ILE A 232 10.89 17.93 -1.01
N VAL A 233 10.22 16.86 -0.61
CA VAL A 233 10.09 15.61 -1.45
C VAL A 233 8.63 15.61 -1.88
N ASN A 234 8.40 15.68 -3.21
CA ASN A 234 7.03 15.76 -3.78
C ASN A 234 7.08 15.50 -5.28
N LEU A 235 6.08 14.77 -5.74
CA LEU A 235 5.89 14.56 -7.19
C LEU A 235 5.46 15.83 -7.96
N GLN A 236 4.63 16.71 -7.38
CA GLN A 236 4.20 17.97 -8.00
C GLN A 236 5.03 19.13 -7.42
N PRO A 237 5.02 20.26 -8.12
CA PRO A 237 5.42 21.54 -7.53
C PRO A 237 4.71 21.74 -6.20
N THR A 238 5.32 22.52 -5.31
CA THR A 238 4.69 22.95 -4.05
C THR A 238 4.82 24.44 -3.86
N LYS A 239 3.93 24.99 -3.02
CA LYS A 239 3.86 26.45 -2.83
C LYS A 239 5.25 27.04 -2.52
N HIS A 240 6.13 26.34 -1.80
CA HIS A 240 7.40 26.94 -1.28
C HIS A 240 8.64 26.39 -1.95
N ASP A 241 8.53 25.80 -3.14
CA ASP A 241 9.70 25.17 -3.81
C ASP A 241 10.89 26.15 -3.87
N ARG A 242 10.61 27.44 -4.07
CA ARG A 242 11.65 28.52 -4.16
C ARG A 242 12.51 28.57 -2.90
N HIS A 243 11.94 28.24 -1.75
CA HIS A 243 12.60 28.36 -0.42
C HIS A 243 13.38 27.08 -0.07
N ALA A 244 13.29 26.00 -0.87
CA ALA A 244 13.98 24.72 -0.59
C ALA A 244 15.47 24.79 -0.87
N ASP A 245 16.30 24.16 -0.02
CA ASP A 245 17.74 23.92 -0.31
C ASP A 245 17.80 22.69 -1.22
N LEU A 246 16.84 21.81 -1.14
CA LEU A 246 16.83 20.53 -1.93
C LEU A 246 15.37 20.18 -2.23
N ARG A 247 15.08 19.89 -3.50
CA ARG A 247 13.75 19.49 -3.97
C ARG A 247 13.97 18.15 -4.64
N ILE A 248 13.25 17.14 -4.19
CA ILE A 248 13.41 15.78 -4.75
C ILE A 248 12.06 15.39 -5.33
N HIS A 249 12.00 15.15 -6.64
CA HIS A 249 10.81 14.76 -7.39
C HIS A 249 10.87 13.23 -7.62
N GLY A 250 10.20 12.49 -6.74
CA GLY A 250 10.15 11.00 -6.74
C GLY A 250 9.15 10.47 -5.75
N TYR A 251 8.82 9.19 -5.88
CA TYR A 251 7.90 8.57 -4.94
C TYR A 251 8.60 8.53 -3.60
N VAL A 252 7.89 8.99 -2.54
CA VAL A 252 8.43 9.10 -1.20
C VAL A 252 8.89 7.73 -0.69
N ASP A 253 8.26 6.63 -1.06
CA ASP A 253 8.75 5.30 -0.64
C ASP A 253 10.13 5.05 -1.25
N GLU A 254 10.36 5.33 -2.53
CA GLU A 254 11.69 5.12 -3.20
C GLU A 254 12.71 6.00 -2.51
N VAL A 255 12.34 7.25 -2.28
CA VAL A 255 13.24 8.23 -1.57
C VAL A 255 13.59 7.70 -0.18
N MET A 256 12.59 7.37 0.66
CA MET A 256 12.81 7.02 2.09
C MET A 256 13.53 5.67 2.15
N THR A 257 13.27 4.72 1.25
CA THR A 257 13.98 3.45 1.38
C THR A 257 15.45 3.58 1.01
N ARG A 258 15.80 4.38 0.00
CA ARG A 258 17.20 4.67 -0.36
C ARG A 258 17.84 5.40 0.80
N LEU A 259 17.13 6.37 1.35
CA LEU A 259 17.71 7.14 2.46
C LEU A 259 18.08 6.19 3.62
N MET A 260 17.14 5.40 4.09
CA MET A 260 17.35 4.43 5.18
C MET A 260 18.56 3.51 4.85
N LYS A 261 18.66 3.03 3.64
CA LYS A 261 19.81 2.21 3.26
C LYS A 261 21.07 3.04 3.40
N HIS A 262 21.12 4.31 2.95
CA HIS A 262 22.31 5.18 3.15
C HIS A 262 22.63 5.27 4.65
N LEU A 263 21.61 5.42 5.49
CA LEU A 263 21.76 5.60 6.95
C LEU A 263 22.06 4.26 7.62
N GLY A 264 22.00 3.13 6.91
CA GLY A 264 22.31 1.86 7.57
C GLY A 264 21.17 1.43 8.46
N LEU A 265 19.94 1.85 8.19
CA LEU A 265 18.78 1.48 9.02
C LEU A 265 17.83 0.56 8.26
N GLU A 266 17.27 -0.39 8.99
CA GLU A 266 16.18 -1.23 8.46
C GLU A 266 14.83 -0.55 8.71
N ILE A 267 13.91 -0.81 7.80
CA ILE A 267 12.50 -0.38 7.94
C ILE A 267 11.80 -1.48 8.71
N PRO A 268 11.32 -1.17 9.92
CA PRO A 268 10.75 -2.20 10.76
C PRO A 268 9.36 -2.66 10.32
N ALA A 269 9.08 -3.86 10.80
CA ALA A 269 7.86 -4.65 10.58
C ALA A 269 6.70 -3.91 11.26
N TRP A 270 5.55 -3.88 10.63
CA TRP A 270 4.30 -3.40 11.27
C TRP A 270 3.52 -4.58 11.82
N ASP A 271 3.20 -4.50 13.11
CA ASP A 271 2.56 -5.56 13.92
C ASP A 271 1.03 -5.54 13.73
N GLY A 272 0.47 -4.62 12.96
CA GLY A 272 -0.96 -4.30 12.99
C GLY A 272 -1.18 -3.05 13.85
N PRO A 273 -2.43 -2.57 13.98
CA PRO A 273 -2.68 -1.28 14.63
C PRO A 273 -2.19 -1.28 16.08
N ARG A 274 -1.29 -0.38 16.41
CA ARG A 274 -0.84 -0.22 17.80
C ARG A 274 -0.72 1.26 18.08
N VAL A 275 -0.98 1.64 19.33
CA VAL A 275 -1.01 3.05 19.80
C VAL A 275 0.09 3.14 20.83
N LEU A 276 1.03 4.05 20.64
CA LEU A 276 2.09 4.37 21.58
C LEU A 276 1.84 5.81 22.05
N GLU A 277 1.55 6.05 23.32
CA GLU A 277 1.37 7.46 23.81
C GLU A 277 2.72 8.16 23.90
N ARG A 278 3.76 7.49 24.43
CA ARG A 278 5.02 8.16 24.80
C ARG A 278 6.20 7.47 24.12
N ALA A 279 7.05 8.29 23.54
CA ALA A 279 8.31 7.88 22.90
C ALA A 279 9.09 7.05 23.91
N LEU A 280 9.64 5.93 23.46
CA LEU A 280 10.51 5.06 24.28
C LEU A 280 11.92 5.65 24.29
N PRO A 281 12.82 5.19 25.19
CA PRO A 281 14.22 5.58 25.12
C PRO A 281 14.83 5.22 23.78
N PRO A 282 15.70 6.08 23.26
CA PRO A 282 16.39 5.90 21.98
C PRO A 282 17.22 4.61 21.82
N LEU A 283 17.02 3.93 20.67
CA LEU A 283 17.86 2.76 20.33
C LEU A 283 19.21 3.19 19.76
N PRO A 284 20.21 2.26 19.71
CA PRO A 284 21.51 2.52 19.10
C PRO A 284 21.32 2.95 17.64
N ARG A 285 22.24 3.75 17.06
CA ARG A 285 22.29 3.93 15.59
C ARG A 285 23.70 3.80 15.02
N PRO A 286 23.83 3.60 13.69
CA PRO A 286 25.16 3.47 13.10
C PRO A 286 25.96 4.73 13.37
N PRO A 287 27.29 4.57 13.35
CA PRO A 287 28.16 5.73 13.45
C PRO A 287 28.06 6.53 12.15
N THR A 288 28.35 7.82 12.26
CA THR A 288 28.26 8.79 11.13
C THR A 288 29.45 8.71 10.16
N PRO A 289 29.23 8.86 8.84
CA PRO A 289 30.32 8.99 7.89
C PRO A 289 31.06 10.30 8.15
N LYS A 290 32.34 10.35 7.77
CA LYS A 290 33.09 11.61 7.71
C LYS A 290 32.57 12.38 6.49
N LEU A 291 32.07 13.58 6.70
CA LEU A 291 31.49 14.43 5.65
C LEU A 291 32.47 15.58 5.41
N GLU A 292 33.31 15.45 4.38
CA GLU A 292 34.12 16.55 3.78
C GLU A 292 35.58 16.52 4.29
N LYS B 9 -10.88 -5.04 -24.93
CA LYS B 9 -10.47 -4.78 -23.52
C LYS B 9 -11.55 -5.27 -22.54
N GLY B 10 -12.72 -5.72 -23.03
CA GLY B 10 -13.81 -6.28 -22.20
C GLY B 10 -14.60 -5.19 -21.51
N LYS B 11 -15.41 -5.56 -20.52
CA LYS B 11 -16.33 -4.64 -19.80
C LYS B 11 -15.55 -3.90 -18.72
N CYS B 12 -15.45 -2.58 -18.85
CA CYS B 12 -14.56 -1.72 -18.03
C CYS B 12 -15.41 -0.77 -17.18
N GLY B 13 -14.99 -0.49 -15.95
CA GLY B 13 -15.62 0.52 -15.07
C GLY B 13 -17.06 0.19 -14.69
N LEU B 14 -17.39 -1.09 -14.53
CA LEU B 14 -18.68 -1.50 -13.91
C LEU B 14 -18.71 -0.96 -12.48
N PRO B 15 -19.92 -0.75 -11.91
CA PRO B 15 -20.06 -0.28 -10.54
C PRO B 15 -19.49 -1.27 -9.51
N GLU B 16 -19.01 -0.73 -8.40
CA GLU B 16 -18.56 -1.55 -7.25
C GLU B 16 -19.75 -1.96 -6.38
N ILE B 17 -19.68 -3.15 -5.83
CA ILE B 17 -20.61 -3.67 -4.80
C ILE B 17 -19.80 -3.83 -3.50
N PHE B 18 -20.41 -3.40 -2.40
CA PHE B 18 -19.96 -3.55 -1.02
C PHE B 18 -21.03 -4.30 -0.24
N ASP B 19 -20.74 -5.54 0.15
CA ASP B 19 -21.59 -6.26 1.13
C ASP B 19 -21.59 -5.41 2.40
N PRO B 20 -22.74 -5.19 3.06
CA PRO B 20 -22.74 -4.53 4.38
C PRO B 20 -21.98 -5.34 5.42
N PRO B 21 -21.51 -4.69 6.50
CA PRO B 21 -20.62 -5.31 7.48
C PRO B 21 -21.08 -6.68 8.03
N GLU B 22 -22.35 -6.81 8.38
CA GLU B 22 -22.90 -8.07 8.95
C GLU B 22 -22.79 -9.18 7.90
N GLU B 23 -23.14 -8.86 6.65
CA GLU B 23 -23.12 -9.86 5.55
CA GLU B 23 -23.11 -9.82 5.52
C GLU B 23 -21.65 -10.16 5.20
N LEU B 24 -20.78 -9.14 5.24
CA LEU B 24 -19.33 -9.33 4.95
C LEU B 24 -18.76 -10.25 6.03
N GLU B 25 -19.05 -10.00 7.31
CA GLU B 25 -18.55 -10.86 8.43
C GLU B 25 -19.02 -12.31 8.29
N ARG B 26 -20.27 -12.50 7.91
CA ARG B 26 -20.88 -13.85 7.85
C ARG B 26 -20.23 -14.58 6.65
N LYS B 27 -20.03 -13.90 5.52
CA LYS B 27 -19.45 -14.59 4.32
C LYS B 27 -17.99 -14.96 4.58
N VAL B 28 -17.24 -14.18 5.36
CA VAL B 28 -15.81 -14.52 5.59
C VAL B 28 -15.77 -15.74 6.53
N TRP B 29 -16.72 -15.85 7.47
CA TRP B 29 -16.86 -17.03 8.35
C TRP B 29 -17.05 -18.25 7.46
N GLU B 30 -17.95 -18.13 6.51
CA GLU B 30 -18.32 -19.21 5.56
C GLU B 30 -17.12 -19.57 4.69
N LEU B 31 -16.33 -18.57 4.28
CA LEU B 31 -15.04 -18.83 3.59
C LEU B 31 -14.11 -19.66 4.50
N ALA B 32 -13.92 -19.28 5.77
CA ALA B 32 -13.07 -20.04 6.75
C ALA B 32 -13.53 -21.49 6.82
N ARG B 33 -14.85 -21.70 6.97
CA ARG B 33 -15.52 -23.03 6.93
C ARG B 33 -15.04 -23.79 5.69
N LEU B 34 -15.12 -23.20 4.49
CA LEU B 34 -14.73 -23.88 3.24
C LEU B 34 -13.25 -24.21 3.23
N VAL B 35 -12.42 -23.28 3.68
CA VAL B 35 -10.95 -23.51 3.73
C VAL B 35 -10.67 -24.65 4.72
N TRP B 36 -11.36 -24.69 5.86
CA TRP B 36 -11.12 -25.75 6.89
C TRP B 36 -11.50 -27.13 6.34
N GLN B 37 -12.61 -27.22 5.63
CA GLN B 37 -13.17 -28.48 5.06
C GLN B 37 -12.45 -28.93 3.80
N SER B 38 -11.73 -28.08 3.09
CA SER B 38 -11.21 -28.43 1.74
C SER B 38 -9.92 -29.25 1.84
N SER B 39 -9.71 -30.19 0.91
CA SER B 39 -8.45 -30.96 0.81
C SER B 39 -7.39 -30.19 0.00
N SER B 40 -7.80 -29.48 -1.03
CA SER B 40 -6.85 -28.88 -2.00
C SER B 40 -7.36 -27.49 -2.40
N VAL B 41 -6.72 -26.43 -1.88
CA VAL B 41 -7.14 -25.02 -2.12
C VAL B 41 -6.23 -24.33 -3.13
N VAL B 42 -6.85 -23.76 -4.14
CA VAL B 42 -6.15 -23.01 -5.21
C VAL B 42 -6.73 -21.60 -5.22
N PHE B 43 -5.80 -20.65 -5.21
CA PHE B 43 -6.07 -19.20 -5.21
C PHE B 43 -5.69 -18.70 -6.59
N HIS B 44 -6.60 -17.89 -7.13
CA HIS B 44 -6.49 -17.24 -8.44
C HIS B 44 -6.41 -15.73 -8.18
N THR B 45 -5.32 -15.08 -8.56
CA THR B 45 -5.17 -13.61 -8.28
C THR B 45 -5.12 -12.80 -9.58
N GLY B 46 -5.75 -11.61 -9.55
CA GLY B 46 -5.58 -10.59 -10.59
C GLY B 46 -5.24 -9.24 -9.95
N ALA B 47 -5.37 -8.18 -10.73
CA ALA B 47 -4.74 -6.86 -10.46
C ALA B 47 -5.33 -6.19 -9.21
N GLY B 48 -6.57 -6.53 -8.87
CA GLY B 48 -7.27 -6.06 -7.67
C GLY B 48 -6.48 -6.37 -6.40
N ILE B 49 -5.62 -7.38 -6.38
CA ILE B 49 -4.81 -7.55 -5.11
C ILE B 49 -3.58 -6.62 -5.02
N SER B 50 -3.25 -5.80 -6.02
CA SER B 50 -2.10 -4.87 -5.96
C SER B 50 -2.53 -3.41 -5.89
N THR B 51 -3.83 -3.14 -5.98
CA THR B 51 -4.34 -1.76 -6.01
C THR B 51 -4.01 -1.03 -4.70
N ALA B 52 -4.00 -1.72 -3.54
CA ALA B 52 -3.66 -1.16 -2.20
C ALA B 52 -2.14 -1.04 -1.99
N SER B 53 -1.32 -1.40 -2.97
CA SER B 53 0.11 -1.07 -3.01
C SER B 53 0.40 0.03 -4.03
N GLY B 54 -0.65 0.66 -4.64
CA GLY B 54 -0.47 1.83 -5.50
C GLY B 54 -0.47 1.46 -6.97
N ILE B 55 -0.62 0.18 -7.33
CA ILE B 55 -0.59 -0.23 -8.78
C ILE B 55 -2.03 -0.34 -9.26
N PRO B 56 -2.48 0.44 -10.27
CA PRO B 56 -3.86 0.47 -10.66
C PRO B 56 -4.24 -0.83 -11.37
N ASP B 57 -5.48 -1.27 -11.22
CA ASP B 57 -5.99 -2.45 -11.99
C ASP B 57 -6.27 -2.04 -13.45
N PHE B 58 -6.98 -2.89 -14.21
CA PHE B 58 -7.24 -2.66 -15.66
C PHE B 58 -8.67 -2.14 -15.85
N ARG B 59 -9.63 -2.69 -15.12
CA ARG B 59 -11.07 -2.53 -15.46
C ARG B 59 -11.86 -1.94 -14.29
N GLY B 60 -11.22 -1.68 -13.15
CA GLY B 60 -11.91 -0.99 -12.02
C GLY B 60 -12.16 0.47 -12.39
N PRO B 61 -12.86 1.27 -11.54
CA PRO B 61 -13.29 2.62 -11.90
C PRO B 61 -12.11 3.49 -12.39
N HIS B 62 -10.91 3.33 -11.82
CA HIS B 62 -9.68 4.06 -12.21
C HIS B 62 -8.69 3.08 -12.90
N GLY B 63 -9.20 1.93 -13.34
CA GLY B 63 -8.35 0.97 -14.06
C GLY B 63 -7.76 1.53 -15.34
N VAL B 64 -6.64 0.96 -15.78
CA VAL B 64 -5.88 1.39 -17.00
C VAL B 64 -6.82 1.56 -18.20
N TRP B 65 -7.52 0.50 -18.60
CA TRP B 65 -8.45 0.52 -19.75
C TRP B 65 -9.65 1.44 -19.48
N THR B 66 -10.25 1.43 -18.28
CA THR B 66 -11.37 2.33 -17.89
C THR B 66 -10.95 3.80 -18.12
N MET B 67 -9.75 4.14 -17.69
CA MET B 67 -9.21 5.54 -17.77
C MET B 67 -8.87 5.89 -19.21
N GLU B 68 -8.32 4.97 -19.98
CA GLU B 68 -8.03 5.12 -21.42
C GLU B 68 -9.30 5.39 -22.26
N GLU B 69 -10.38 4.62 -22.02
CA GLU B 69 -11.75 4.79 -22.63
C GLU B 69 -12.26 6.22 -22.43
N ARG B 70 -11.93 6.85 -21.30
CA ARG B 70 -12.38 8.22 -20.96
C ARG B 70 -11.26 9.21 -21.24
N GLY B 71 -10.27 8.83 -22.06
CA GLY B 71 -9.15 9.72 -22.43
C GLY B 71 -8.31 10.19 -21.23
N LEU B 72 -8.33 9.47 -20.11
CA LEU B 72 -7.49 9.81 -18.93
C LEU B 72 -6.34 8.80 -18.81
N ALA B 73 -5.40 9.03 -17.93
CA ALA B 73 -4.24 8.13 -17.76
C ALA B 73 -4.39 7.42 -16.43
N PRO B 74 -3.96 6.14 -16.29
CA PRO B 74 -3.94 5.49 -14.99
C PRO B 74 -2.82 6.13 -14.19
N LYS B 75 -2.98 6.07 -12.89
CA LYS B 75 -2.06 6.71 -11.92
C LYS B 75 -1.39 5.60 -11.10
N PHE B 76 -0.07 5.60 -11.12
CA PHE B 76 0.76 4.79 -10.20
C PHE B 76 1.16 5.65 -9.02
N ASP B 77 1.02 5.10 -7.79
CA ASP B 77 1.48 5.72 -6.52
C ASP B 77 2.78 5.08 -6.09
N THR B 78 3.36 4.24 -6.97
CA THR B 78 4.67 3.56 -6.75
C THR B 78 5.31 3.22 -8.11
N THR B 79 6.59 2.91 -8.11
CA THR B 79 7.20 2.12 -9.23
C THR B 79 7.06 0.63 -8.97
N PHE B 80 7.24 -0.22 -9.98
CA PHE B 80 7.21 -1.66 -9.70
C PHE B 80 8.26 -2.05 -8.66
N GLU B 81 9.44 -1.43 -8.74
CA GLU B 81 10.60 -1.72 -7.89
C GLU B 81 10.33 -1.33 -6.45
N SER B 82 9.60 -0.24 -6.20
CA SER B 82 9.31 0.18 -4.80
C SER B 82 7.98 -0.32 -4.28
N ALA B 83 7.21 -1.08 -5.05
CA ALA B 83 5.92 -1.61 -4.59
C ALA B 83 6.18 -2.55 -3.42
N ARG B 84 5.36 -2.45 -2.39
CA ARG B 84 5.40 -3.51 -1.36
C ARG B 84 4.23 -4.47 -1.56
N PRO B 85 4.48 -5.76 -1.31
CA PRO B 85 3.39 -6.73 -1.20
C PRO B 85 2.37 -6.23 -0.18
N THR B 86 1.10 -6.41 -0.52
CA THR B 86 -0.05 -6.11 0.29
C THR B 86 -0.17 -7.18 1.40
N GLN B 87 -1.03 -6.87 2.34
CA GLN B 87 -1.58 -7.79 3.38
C GLN B 87 -2.07 -9.08 2.70
N THR B 88 -2.79 -8.94 1.60
CA THR B 88 -3.27 -10.11 0.82
C THR B 88 -2.10 -10.95 0.35
N HIS B 89 -1.11 -10.36 -0.29
CA HIS B 89 0.12 -11.05 -0.77
C HIS B 89 0.77 -11.84 0.37
N MET B 90 0.95 -11.21 1.51
CA MET B 90 1.60 -11.81 2.68
C MET B 90 0.74 -12.92 3.31
N ALA B 91 -0.59 -12.78 3.34
CA ALA B 91 -1.47 -13.80 3.89
C ALA B 91 -1.29 -15.06 3.02
N LEU B 92 -1.07 -14.87 1.72
CA LEU B 92 -0.98 -16.01 0.75
C LEU B 92 0.35 -16.75 0.99
N VAL B 93 1.41 -16.00 1.29
CA VAL B 93 2.72 -16.56 1.73
C VAL B 93 2.47 -17.47 2.95
N GLN B 94 1.79 -16.98 3.96
CA GLN B 94 1.55 -17.75 5.19
C GLN B 94 0.67 -18.98 4.95
N LEU B 95 -0.39 -18.86 4.15
CA LEU B 95 -1.37 -19.96 3.90
C LEU B 95 -0.60 -21.09 3.19
N GLU B 96 0.32 -20.74 2.31
CA GLU B 96 1.17 -21.76 1.63
C GLU B 96 2.11 -22.40 2.66
N ARG B 97 2.71 -21.62 3.53
CA ARG B 97 3.70 -22.23 4.47
C ARG B 97 3.05 -23.15 5.48
N VAL B 98 1.78 -22.93 5.89
CA VAL B 98 1.15 -23.86 6.86
C VAL B 98 0.36 -24.93 6.09
N GLY B 99 0.52 -25.04 4.77
CA GLY B 99 -0.10 -26.13 3.99
C GLY B 99 -1.57 -25.92 3.65
N LEU B 100 -2.14 -24.72 3.83
CA LEU B 100 -3.58 -24.50 3.50
C LEU B 100 -3.85 -24.02 2.07
N LEU B 101 -2.80 -23.63 1.34
CA LEU B 101 -2.81 -23.29 -0.09
C LEU B 101 -2.00 -24.37 -0.81
N ARG B 102 -2.60 -25.05 -1.79
CA ARG B 102 -1.92 -26.05 -2.65
C ARG B 102 -1.18 -25.34 -3.77
N PHE B 103 -1.82 -24.36 -4.39
CA PHE B 103 -1.27 -23.71 -5.60
C PHE B 103 -1.88 -22.31 -5.81
N LEU B 104 -1.11 -21.46 -6.47
CA LEU B 104 -1.37 -20.01 -6.66
C LEU B 104 -1.29 -19.76 -8.16
N VAL B 105 -2.41 -19.34 -8.75
CA VAL B 105 -2.52 -18.91 -10.17
C VAL B 105 -2.74 -17.39 -10.28
N SER B 106 -1.79 -16.69 -10.89
CA SER B 106 -1.85 -15.22 -10.99
C SER B 106 -1.73 -14.79 -12.44
N GLN B 107 -2.59 -13.84 -12.79
CA GLN B 107 -2.54 -13.15 -14.08
C GLN B 107 -1.62 -11.94 -13.97
N ASN B 108 -1.11 -11.65 -12.76
CA ASN B 108 -0.38 -10.38 -12.48
C ASN B 108 1.04 -10.46 -13.01
N VAL B 109 1.43 -9.37 -13.66
CA VAL B 109 2.81 -9.15 -14.20
C VAL B 109 3.64 -8.29 -13.26
N ASP B 110 3.06 -7.83 -12.14
CA ASP B 110 3.70 -6.84 -11.23
C ASP B 110 4.93 -7.43 -10.47
N GLY B 111 5.22 -8.72 -10.55
CA GLY B 111 6.32 -9.34 -9.81
C GLY B 111 6.17 -9.44 -8.29
N LEU B 112 5.07 -9.03 -7.65
CA LEU B 112 4.88 -8.99 -6.17
C LEU B 112 4.74 -10.37 -5.54
N HIS B 113 4.08 -11.33 -6.17
CA HIS B 113 4.03 -12.68 -5.57
C HIS B 113 5.47 -13.19 -5.38
N VAL B 114 6.33 -13.10 -6.40
CA VAL B 114 7.70 -13.67 -6.29
C VAL B 114 8.47 -12.86 -5.23
N ARG B 115 8.31 -11.54 -5.28
CA ARG B 115 9.07 -10.62 -4.40
C ARG B 115 8.65 -10.76 -2.92
N SER B 116 7.40 -11.09 -2.63
CA SER B 116 6.82 -11.45 -1.32
C SER B 116 7.52 -12.67 -0.69
N GLY B 117 8.24 -13.50 -1.47
CA GLY B 117 8.91 -14.73 -0.97
C GLY B 117 8.06 -15.96 -1.27
N PHE B 118 7.00 -15.84 -2.07
CA PHE B 118 6.07 -16.96 -2.36
C PHE B 118 6.84 -17.96 -3.23
N PRO B 119 6.79 -19.26 -2.91
CA PRO B 119 7.58 -20.25 -3.67
C PRO B 119 7.15 -20.42 -5.14
N ARG B 120 8.12 -20.25 -6.03
CA ARG B 120 7.92 -20.22 -7.49
C ARG B 120 7.39 -21.58 -7.96
N ASP B 121 7.70 -22.67 -7.28
CA ASP B 121 7.19 -23.99 -7.71
C ASP B 121 5.74 -24.17 -7.26
N LYS B 122 5.13 -23.21 -6.54
CA LYS B 122 3.68 -23.30 -6.28
C LYS B 122 2.91 -22.14 -6.93
N LEU B 123 3.54 -21.40 -7.82
CA LEU B 123 3.01 -20.20 -8.52
C LEU B 123 2.99 -20.46 -10.03
N ALA B 124 1.84 -20.24 -10.70
CA ALA B 124 1.73 -20.05 -12.16
C ALA B 124 1.57 -18.54 -12.49
N GLU B 125 2.51 -17.98 -13.22
CA GLU B 125 2.44 -16.57 -13.67
C GLU B 125 2.00 -16.56 -15.13
N LEU B 126 0.69 -16.56 -15.32
CA LEU B 126 0.08 -16.81 -16.66
C LEU B 126 0.47 -15.75 -17.68
N HIS B 127 0.69 -14.48 -17.29
CA HIS B 127 0.86 -13.35 -18.25
C HIS B 127 2.33 -12.87 -18.23
N GLY B 128 3.19 -13.56 -17.48
CA GLY B 128 4.61 -13.25 -17.23
C GLY B 128 4.83 -12.34 -16.01
N ASN B 129 6.07 -11.87 -15.89
CA ASN B 129 6.59 -11.19 -14.67
C ASN B 129 7.54 -10.14 -15.21
N MET B 130 7.23 -8.87 -14.91
CA MET B 130 8.00 -7.65 -15.26
CA MET B 130 8.05 -7.78 -15.49
C MET B 130 9.49 -7.87 -15.00
N PHE B 131 9.83 -8.61 -13.93
CA PHE B 131 11.21 -8.74 -13.43
C PHE B 131 11.89 -9.98 -14.02
N VAL B 132 11.19 -10.78 -14.82
CA VAL B 132 11.75 -12.11 -15.19
C VAL B 132 12.14 -12.11 -16.66
N GLU B 133 13.38 -12.49 -16.97
CA GLU B 133 13.79 -12.72 -18.37
C GLU B 133 14.20 -14.19 -18.53
N GLU B 134 13.97 -14.73 -19.72
CA GLU B 134 14.15 -16.18 -20.01
C GLU B 134 15.11 -16.39 -21.19
N CYS B 135 15.99 -17.38 -21.12
CA CYS B 135 16.93 -17.71 -22.24
C CYS B 135 16.14 -18.47 -23.32
N ALA B 136 16.06 -17.88 -24.52
CA ALA B 136 15.51 -18.48 -25.75
C ALA B 136 16.16 -19.86 -25.99
N LYS B 137 17.46 -20.02 -25.74
CA LYS B 137 18.18 -21.31 -25.94
C LYS B 137 17.80 -22.27 -24.83
N CYS B 138 18.37 -22.13 -23.63
CA CYS B 138 18.27 -23.14 -22.55
C CYS B 138 17.02 -22.96 -21.68
N LYS B 139 16.23 -21.89 -21.87
CA LYS B 139 14.95 -21.64 -21.14
C LYS B 139 15.20 -21.22 -19.67
N THR B 140 16.46 -21.02 -19.26
CA THR B 140 16.79 -20.60 -17.87
C THR B 140 16.18 -19.21 -17.61
N GLN B 141 15.47 -19.08 -16.50
CA GLN B 141 14.84 -17.82 -16.04
C GLN B 141 15.78 -17.11 -15.06
N TYR B 142 15.79 -15.79 -15.15
CA TYR B 142 16.54 -14.89 -14.26
C TYR B 142 15.53 -13.95 -13.60
N VAL B 143 15.46 -13.94 -12.27
CA VAL B 143 14.55 -13.01 -11.55
C VAL B 143 15.41 -11.82 -11.15
N ARG B 144 15.21 -10.71 -11.85
CA ARG B 144 16.04 -9.49 -11.69
C ARG B 144 15.41 -8.63 -10.58
N ASP B 145 16.21 -7.71 -10.05
CA ASP B 145 15.86 -6.73 -8.99
C ASP B 145 15.21 -5.49 -9.59
N THR B 146 15.26 -5.30 -10.91
CA THR B 146 14.58 -4.20 -11.62
C THR B 146 13.76 -4.81 -12.76
N VAL B 147 12.77 -4.07 -13.25
CA VAL B 147 11.91 -4.56 -14.37
C VAL B 147 12.79 -4.73 -15.62
N VAL B 148 12.60 -5.81 -16.32
CA VAL B 148 13.24 -6.13 -17.62
C VAL B 148 12.59 -5.18 -18.65
N GLY B 149 13.38 -4.31 -19.28
CA GLY B 149 12.85 -3.10 -19.93
C GLY B 149 12.07 -3.32 -21.21
N THR B 150 11.74 -4.55 -21.60
CA THR B 150 10.96 -4.82 -22.85
C THR B 150 9.64 -5.52 -22.48
N MET B 151 8.65 -5.47 -23.39
CA MET B 151 7.38 -6.25 -23.35
CA MET B 151 7.47 -6.35 -23.30
C MET B 151 7.24 -7.00 -24.67
N GLY B 152 6.45 -8.06 -24.72
CA GLY B 152 6.07 -8.77 -25.97
C GLY B 152 6.99 -9.93 -26.31
N LEU B 153 7.85 -10.37 -25.37
CA LEU B 153 8.78 -11.53 -25.52
C LEU B 153 9.97 -11.13 -26.42
N LYS B 154 10.45 -9.90 -26.29
CA LYS B 154 11.57 -9.35 -27.11
C LYS B 154 12.92 -9.55 -26.42
N ALA B 155 14.02 -9.50 -27.18
CA ALA B 155 15.41 -9.48 -26.68
C ALA B 155 15.60 -8.27 -25.76
N THR B 156 16.16 -8.49 -24.58
CA THR B 156 16.38 -7.44 -23.54
C THR B 156 17.72 -6.76 -23.77
N GLY B 157 18.60 -7.44 -24.52
CA GLY B 157 19.99 -7.03 -24.75
C GLY B 157 20.98 -7.85 -23.94
N ARG B 158 20.53 -8.75 -23.06
CA ARG B 158 21.43 -9.52 -22.15
C ARG B 158 21.52 -10.97 -22.67
N LEU B 159 22.65 -11.62 -22.37
CA LEU B 159 22.95 -13.01 -22.75
C LEU B 159 22.90 -13.91 -21.53
N CYS B 160 22.53 -15.17 -21.74
CA CYS B 160 22.50 -16.26 -20.73
C CYS B 160 23.93 -16.48 -20.20
N THR B 161 24.07 -16.74 -18.91
CA THR B 161 25.36 -16.95 -18.21
C THR B 161 25.47 -18.40 -17.71
N VAL B 162 24.53 -19.29 -18.06
CA VAL B 162 24.54 -20.72 -17.62
C VAL B 162 25.87 -21.39 -18.06
N ALA B 163 26.39 -22.32 -17.24
CA ALA B 163 27.71 -22.97 -17.34
C ALA B 163 27.63 -24.23 -18.22
N CYS B 171 26.56 -20.76 -22.23
CA CYS B 171 25.41 -20.89 -23.15
C CYS B 171 25.32 -19.67 -24.08
N ARG B 172 25.31 -18.46 -23.52
CA ARG B 172 25.27 -17.14 -24.22
C ARG B 172 23.97 -16.92 -25.02
N GLY B 173 22.92 -17.69 -24.77
CA GLY B 173 21.60 -17.47 -25.35
C GLY B 173 21.10 -16.04 -25.17
N GLU B 174 20.30 -15.57 -26.11
CA GLU B 174 19.53 -14.28 -26.05
C GLU B 174 18.47 -14.36 -24.94
N LEU B 175 18.43 -13.38 -24.03
CA LEU B 175 17.40 -13.28 -22.96
C LEU B 175 16.26 -12.42 -23.48
N ARG B 176 15.02 -12.82 -23.16
CA ARG B 176 13.77 -12.15 -23.57
C ARG B 176 12.85 -11.93 -22.37
N ASP B 177 12.08 -10.85 -22.39
CA ASP B 177 11.05 -10.64 -21.33
C ASP B 177 10.07 -11.80 -21.40
N THR B 178 9.20 -11.91 -20.40
CA THR B 178 8.13 -12.94 -20.32
C THR B 178 6.74 -12.29 -20.40
N ILE B 179 6.66 -11.02 -20.79
CA ILE B 179 5.35 -10.32 -20.94
C ILE B 179 4.75 -10.68 -22.31
N LEU B 180 3.65 -11.45 -22.26
CA LEU B 180 2.76 -11.77 -23.42
C LEU B 180 2.19 -10.47 -23.96
N ASP B 181 2.22 -10.29 -25.28
CA ASP B 181 1.32 -9.34 -25.99
C ASP B 181 -0.01 -10.06 -26.25
N TRP B 182 -1.07 -9.30 -26.60
CA TRP B 182 -2.48 -9.77 -26.81
C TRP B 182 -2.53 -11.11 -27.58
N GLU B 183 -1.74 -11.28 -28.63
CA GLU B 183 -1.87 -12.43 -29.58
C GLU B 183 -1.08 -13.65 -29.07
N ASP B 184 -0.19 -13.45 -28.08
CA ASP B 184 0.74 -14.51 -27.56
C ASP B 184 -0.10 -15.58 -26.85
N SER B 185 0.31 -16.85 -26.94
CA SER B 185 -0.30 -17.93 -26.11
C SER B 185 0.47 -18.01 -24.79
N LEU B 186 -0.20 -18.49 -23.75
CA LEU B 186 0.30 -18.57 -22.35
C LEU B 186 1.48 -19.52 -22.23
N PRO B 187 2.44 -19.28 -21.31
CA PRO B 187 3.52 -20.24 -21.04
C PRO B 187 2.95 -21.63 -20.77
N ASP B 188 3.37 -22.63 -21.55
CA ASP B 188 2.77 -24.00 -21.54
C ASP B 188 2.90 -24.60 -20.15
N ARG B 189 4.09 -24.45 -19.56
CA ARG B 189 4.39 -25.02 -18.23
C ARG B 189 3.40 -24.45 -17.21
N ASP B 190 3.32 -23.12 -17.12
CA ASP B 190 2.52 -22.40 -16.09
C ASP B 190 1.06 -22.78 -16.29
N LEU B 191 0.60 -22.87 -17.55
CA LEU B 191 -0.85 -23.08 -17.85
C LEU B 191 -1.21 -24.53 -17.52
N ALA B 192 -0.35 -25.47 -17.87
CA ALA B 192 -0.56 -26.91 -17.62
C ALA B 192 -0.67 -27.12 -16.12
N LEU B 193 0.26 -26.52 -15.36
CA LEU B 193 0.26 -26.62 -13.87
C LEU B 193 -0.94 -25.85 -13.30
N ALA B 194 -1.30 -24.69 -13.82
CA ALA B 194 -2.52 -23.97 -13.35
C ALA B 194 -3.76 -24.84 -13.60
N ASP B 195 -3.82 -25.41 -14.81
CA ASP B 195 -4.96 -26.28 -15.23
C ASP B 195 -5.04 -27.51 -14.33
N GLU B 196 -3.92 -28.20 -14.11
CA GLU B 196 -3.93 -29.43 -13.27
C GLU B 196 -4.41 -29.06 -11.85
N ALA B 197 -3.83 -28.02 -11.28
CA ALA B 197 -4.14 -27.57 -9.91
C ALA B 197 -5.63 -27.25 -9.81
N SER B 198 -6.18 -26.57 -10.82
CA SER B 198 -7.58 -26.10 -10.83
C SER B 198 -8.55 -27.30 -10.92
N ARG B 199 -8.23 -28.27 -11.80
CA ARG B 199 -9.05 -29.50 -12.01
C ARG B 199 -9.09 -30.30 -10.68
N ASN B 200 -7.96 -30.43 -10.00
CA ASN B 200 -7.82 -31.28 -8.78
C ASN B 200 -8.27 -30.56 -7.52
N ALA B 201 -8.41 -29.24 -7.54
CA ALA B 201 -8.82 -28.46 -6.36
C ALA B 201 -10.25 -28.85 -5.99
N ASP B 202 -10.61 -28.82 -4.71
CA ASP B 202 -12.03 -28.87 -4.29
C ASP B 202 -12.46 -27.50 -3.72
N LEU B 203 -11.54 -26.53 -3.63
CA LEU B 203 -11.90 -25.10 -3.45
C LEU B 203 -10.99 -24.23 -4.33
N SER B 204 -11.62 -23.38 -5.16
CA SER B 204 -10.91 -22.30 -5.90
C SER B 204 -11.41 -20.94 -5.39
N ILE B 205 -10.51 -20.12 -4.88
CA ILE B 205 -10.82 -18.73 -4.41
C ILE B 205 -10.18 -17.75 -5.42
N THR B 206 -11.00 -16.87 -6.01
CA THR B 206 -10.59 -15.77 -6.90
C THR B 206 -10.51 -14.48 -6.05
N LEU B 207 -9.45 -13.70 -6.21
CA LEU B 207 -9.17 -12.45 -5.45
C LEU B 207 -8.80 -11.37 -6.45
N GLY B 208 -9.62 -10.32 -6.53
CA GLY B 208 -9.32 -9.13 -7.36
C GLY B 208 -9.04 -9.46 -8.81
N THR B 209 -9.86 -10.33 -9.41
CA THR B 209 -9.88 -10.59 -10.87
C THR B 209 -11.34 -10.53 -11.36
N SER B 210 -11.58 -9.85 -12.50
CA SER B 210 -12.93 -9.78 -13.12
C SER B 210 -13.18 -11.05 -13.94
N LEU B 211 -12.14 -11.85 -14.18
CA LEU B 211 -12.27 -13.22 -14.79
C LEU B 211 -12.69 -13.10 -16.26
N GLN B 212 -12.33 -12.00 -16.91
CA GLN B 212 -12.80 -11.66 -18.28
C GLN B 212 -11.85 -12.23 -19.32
N ILE B 213 -10.62 -12.59 -18.93
CA ILE B 213 -9.58 -13.03 -19.91
C ILE B 213 -9.63 -14.56 -19.97
N ARG B 214 -9.36 -15.35 -20.98
CA ARG B 214 -9.46 -16.72 -21.49
C ARG B 214 -8.04 -17.17 -21.76
N PRO B 215 -7.59 -18.07 -21.41
CA PRO B 215 -8.29 -19.00 -20.53
C PRO B 215 -8.11 -18.79 -19.02
N SER B 216 -7.38 -17.74 -18.62
CA SER B 216 -7.05 -17.44 -17.19
C SER B 216 -8.31 -17.42 -16.33
N GLY B 217 -9.28 -16.64 -16.77
CA GLY B 217 -10.56 -16.38 -16.10
C GLY B 217 -11.41 -17.63 -16.07
N ASN B 218 -11.09 -18.65 -16.88
CA ASN B 218 -11.90 -19.91 -16.90
C ASN B 218 -11.28 -21.02 -16.02
N LEU B 219 -10.01 -20.96 -15.63
CA LEU B 219 -9.43 -22.03 -14.75
C LEU B 219 -10.25 -22.19 -13.47
N PRO B 220 -10.73 -21.11 -12.80
CA PRO B 220 -11.46 -21.32 -11.57
C PRO B 220 -12.70 -22.22 -11.76
N LEU B 221 -13.36 -22.13 -12.92
CA LEU B 221 -14.57 -22.92 -13.29
C LEU B 221 -14.25 -24.42 -13.34
N ALA B 222 -13.02 -24.76 -13.73
CA ALA B 222 -12.57 -26.15 -13.86
C ALA B 222 -12.70 -26.85 -12.50
N THR B 223 -12.66 -26.09 -11.39
CA THR B 223 -12.77 -26.66 -10.01
C THR B 223 -14.21 -27.19 -9.83
N LYS B 224 -15.20 -26.61 -10.51
CA LYS B 224 -16.62 -27.03 -10.40
C LYS B 224 -16.82 -28.52 -10.78
N ARG B 225 -16.30 -28.98 -11.93
CA ARG B 225 -16.27 -30.42 -12.33
C ARG B 225 -15.83 -31.28 -11.14
N ARG B 226 -16.49 -32.42 -10.94
CA ARG B 226 -16.28 -33.32 -9.76
C ARG B 226 -16.61 -32.53 -8.48
N GLY B 227 -17.45 -31.49 -8.60
CA GLY B 227 -18.22 -30.92 -7.48
C GLY B 227 -17.36 -30.08 -6.56
N GLY B 228 -16.30 -29.43 -7.07
CA GLY B 228 -15.49 -28.49 -6.30
C GLY B 228 -16.28 -27.21 -6.04
N ARG B 229 -15.94 -26.46 -4.99
CA ARG B 229 -16.58 -25.16 -4.66
C ARG B 229 -15.74 -24.01 -5.22
N LEU B 230 -16.42 -22.91 -5.53
CA LEU B 230 -15.79 -21.71 -6.11
C LEU B 230 -16.24 -20.53 -5.23
N VAL B 231 -15.29 -19.73 -4.76
CA VAL B 231 -15.54 -18.43 -4.08
C VAL B 231 -14.91 -17.34 -4.93
N ILE B 232 -15.67 -16.26 -5.20
CA ILE B 232 -15.19 -15.06 -5.90
C ILE B 232 -15.12 -13.91 -4.87
N VAL B 233 -13.95 -13.31 -4.66
CA VAL B 233 -13.83 -12.06 -3.83
C VAL B 233 -13.48 -10.94 -4.79
N ASN B 234 -14.36 -9.94 -4.96
CA ASN B 234 -14.16 -8.86 -5.95
C ASN B 234 -15.11 -7.70 -5.63
N LEU B 235 -14.62 -6.49 -5.83
CA LEU B 235 -15.46 -5.26 -5.67
C LEU B 235 -16.51 -5.15 -6.81
N GLN B 236 -16.16 -5.47 -8.04
CA GLN B 236 -17.09 -5.41 -9.19
C GLN B 236 -17.64 -6.79 -9.48
N PRO B 237 -18.78 -6.88 -10.20
CA PRO B 237 -19.23 -8.13 -10.83
C PRO B 237 -18.12 -8.77 -11.67
N THR B 238 -18.14 -10.08 -11.85
CA THR B 238 -17.17 -10.83 -12.68
C THR B 238 -17.92 -11.68 -13.71
N LYS B 239 -17.21 -12.09 -14.75
CA LYS B 239 -17.84 -12.93 -15.79
C LYS B 239 -18.61 -14.08 -15.12
N HIS B 240 -18.07 -14.78 -14.11
CA HIS B 240 -18.56 -16.11 -13.65
C HIS B 240 -19.34 -16.03 -12.34
N ASP B 241 -19.87 -14.87 -11.96
CA ASP B 241 -20.52 -14.70 -10.63
C ASP B 241 -21.61 -15.76 -10.40
N ARG B 242 -22.32 -16.12 -11.48
CA ARG B 242 -23.38 -17.16 -11.53
C ARG B 242 -22.86 -18.52 -11.04
N HIS B 243 -21.61 -18.89 -11.35
CA HIS B 243 -21.05 -20.23 -11.02
C HIS B 243 -20.54 -20.27 -9.57
N ALA B 244 -20.46 -19.15 -8.83
CA ALA B 244 -19.84 -19.07 -7.48
C ALA B 244 -20.79 -19.63 -6.40
N ASP B 245 -20.25 -20.38 -5.45
CA ASP B 245 -21.00 -20.82 -4.24
C ASP B 245 -21.03 -19.64 -3.26
N LEU B 246 -20.07 -18.71 -3.40
CA LEU B 246 -19.87 -17.60 -2.41
C LEU B 246 -19.22 -16.43 -3.11
N ARG B 247 -19.88 -15.26 -3.11
CA ARG B 247 -19.37 -14.02 -3.73
C ARG B 247 -19.19 -13.06 -2.58
N ILE B 248 -18.02 -12.45 -2.50
CA ILE B 248 -17.71 -11.54 -1.36
C ILE B 248 -17.34 -10.22 -2.03
N HIS B 249 -18.16 -9.21 -1.81
CA HIS B 249 -17.96 -7.85 -2.33
C HIS B 249 -17.34 -7.03 -1.21
N GLY B 250 -16.01 -6.96 -1.21
CA GLY B 250 -15.19 -6.19 -0.25
C GLY B 250 -13.76 -6.05 -0.71
N TYR B 251 -13.03 -5.17 -0.07
CA TYR B 251 -11.58 -5.03 -0.29
C TYR B 251 -10.90 -6.31 0.14
N VAL B 252 -10.08 -6.90 -0.76
CA VAL B 252 -9.41 -8.19 -0.52
C VAL B 252 -8.57 -8.13 0.76
N ASP B 253 -7.92 -7.02 1.06
CA ASP B 253 -7.17 -6.93 2.33
C ASP B 253 -8.11 -7.16 3.51
N GLU B 254 -9.27 -6.53 3.56
CA GLU B 254 -10.20 -6.69 4.75
C GLU B 254 -10.65 -8.14 4.83
N VAL B 255 -11.00 -8.68 3.68
CA VAL B 255 -11.45 -10.09 3.59
C VAL B 255 -10.32 -10.98 4.10
N MET B 256 -9.10 -10.85 3.62
CA MET B 256 -8.01 -11.82 3.94
C MET B 256 -7.54 -11.64 5.39
N THR B 257 -7.58 -10.42 5.93
CA THR B 257 -7.15 -10.24 7.34
C THR B 257 -8.19 -10.82 8.30
N ARG B 258 -9.48 -10.74 7.99
CA ARG B 258 -10.54 -11.35 8.81
C ARG B 258 -10.47 -12.86 8.68
N LEU B 259 -10.19 -13.31 7.46
CA LEU B 259 -10.02 -14.77 7.26
C LEU B 259 -8.85 -15.31 8.10
N MET B 260 -7.67 -14.74 7.97
CA MET B 260 -6.49 -15.19 8.73
C MET B 260 -6.80 -15.22 10.23
N LYS B 261 -7.45 -14.19 10.76
CA LYS B 261 -7.83 -14.13 12.17
C LYS B 261 -8.76 -15.32 12.47
N HIS B 262 -9.74 -15.64 11.64
CA HIS B 262 -10.60 -16.84 11.84
C HIS B 262 -9.70 -18.08 11.88
N LEU B 263 -8.70 -18.12 11.03
CA LEU B 263 -7.81 -19.31 10.91
C LEU B 263 -6.78 -19.31 12.04
N GLY B 264 -6.61 -18.25 12.84
CA GLY B 264 -5.61 -18.23 13.91
C GLY B 264 -4.22 -18.04 13.37
N LEU B 265 -4.08 -17.40 12.20
CA LEU B 265 -2.78 -17.18 11.54
C LEU B 265 -2.41 -15.70 11.54
N GLU B 266 -1.13 -15.46 11.84
CA GLU B 266 -0.54 -14.12 11.68
C GLU B 266 -0.17 -13.87 10.21
N ILE B 267 -0.27 -12.62 9.81
CA ILE B 267 0.29 -12.17 8.51
C ILE B 267 1.75 -11.87 8.77
N PRO B 268 2.68 -12.62 8.13
CA PRO B 268 4.11 -12.46 8.39
C PRO B 268 4.66 -11.18 7.76
N ALA B 269 5.80 -10.80 8.33
CA ALA B 269 6.61 -9.61 8.02
C ALA B 269 7.26 -9.80 6.63
N TRP B 270 7.25 -8.76 5.82
CA TRP B 270 7.98 -8.80 4.53
C TRP B 270 9.38 -8.23 4.76
N ASP B 271 10.39 -9.03 4.41
CA ASP B 271 11.83 -8.75 4.63
C ASP B 271 12.37 -7.78 3.55
N GLY B 272 11.59 -7.36 2.56
CA GLY B 272 12.11 -6.73 1.32
C GLY B 272 12.16 -7.82 0.25
N PRO B 273 12.60 -7.50 -0.98
CA PRO B 273 12.49 -8.41 -2.12
C PRO B 273 13.31 -9.68 -1.89
N ARG B 274 12.62 -10.82 -1.94
CA ARG B 274 13.25 -12.15 -1.79
C ARG B 274 12.65 -13.13 -2.79
N VAL B 275 13.45 -14.02 -3.33
CA VAL B 275 13.03 -15.01 -4.37
C VAL B 275 13.23 -16.40 -3.76
N LEU B 276 12.18 -17.20 -3.68
CA LEU B 276 12.21 -18.56 -3.14
C LEU B 276 11.84 -19.49 -4.29
N GLU B 277 12.81 -20.20 -4.86
CA GLU B 277 12.53 -21.11 -5.99
C GLU B 277 11.66 -22.27 -5.51
N ARG B 278 11.89 -22.85 -4.34
CA ARG B 278 11.20 -24.09 -3.95
C ARG B 278 10.54 -23.90 -2.60
N ALA B 279 9.30 -24.36 -2.53
CA ALA B 279 8.49 -24.45 -1.30
C ALA B 279 9.32 -25.19 -0.24
N LEU B 280 9.35 -24.61 0.96
CA LEU B 280 9.94 -25.19 2.19
C LEU B 280 8.98 -26.20 2.80
N PRO B 281 9.46 -27.15 3.65
CA PRO B 281 8.60 -28.09 4.36
C PRO B 281 7.55 -27.33 5.16
N PRO B 282 6.32 -27.86 5.25
CA PRO B 282 5.19 -27.21 5.95
C PRO B 282 5.37 -26.89 7.45
N LEU B 283 4.95 -25.69 7.85
CA LEU B 283 4.96 -25.29 9.28
C LEU B 283 3.72 -25.81 9.97
N PRO B 284 3.74 -25.83 11.32
CA PRO B 284 2.59 -26.23 12.12
C PRO B 284 1.41 -25.29 11.81
N ARG B 285 0.16 -25.76 11.96
CA ARG B 285 -1.01 -24.83 11.92
C ARG B 285 -1.98 -25.09 13.06
N PRO B 286 -2.92 -24.17 13.38
CA PRO B 286 -3.87 -24.43 14.45
C PRO B 286 -4.72 -25.65 14.14
N PRO B 287 -5.24 -26.32 15.19
CA PRO B 287 -6.20 -27.38 14.99
C PRO B 287 -7.48 -26.79 14.41
N THR B 288 -8.25 -27.64 13.73
CA THR B 288 -9.50 -27.25 13.03
C THR B 288 -10.68 -27.23 14.00
N PRO B 289 -11.59 -26.25 13.86
CA PRO B 289 -12.85 -26.25 14.60
C PRO B 289 -13.72 -27.44 14.19
N LYS B 290 -14.58 -27.89 15.09
CA LYS B 290 -15.68 -28.82 14.75
C LYS B 290 -16.70 -28.04 13.93
N LEU B 291 -16.95 -28.49 12.72
CA LEU B 291 -17.88 -27.81 11.79
C LEU B 291 -19.13 -28.70 11.70
N GLU B 292 -20.20 -28.33 12.43
CA GLU B 292 -21.57 -28.90 12.28
C GLU B 292 -21.83 -30.00 13.32
N1 AR6 C . 5.33 10.25 -3.51
C2 AR6 C . 5.56 11.57 -3.62
N3 AR6 C . 4.68 12.55 -3.78
C4 AR6 C . 3.42 12.09 -3.81
C5 AR6 C . 3.02 10.76 -3.77
C6 AR6 C . 4.05 9.79 -3.64
N6 AR6 C . 3.86 8.46 -3.59
N7 AR6 C . 1.64 10.67 -3.86
C8 AR6 C . 1.21 11.92 -3.88
N9 AR6 C . 2.27 12.82 -3.94
PA AR6 C . -2.19 17.49 -1.48
PB AR6 C . -1.86 17.85 1.48
C1' AR6 C . 2.22 14.28 -3.90
O1A AR6 C . -2.38 18.97 -1.52
O1B AR6 C . -1.63 16.83 2.52
C1D AR6 C . -6.86 19.16 2.22
O1D AR6 C . -7.90 20.05 2.03
C2' AR6 C . 1.29 14.98 -4.87
O2' AR6 C . 2.03 15.30 -5.98
O2A AR6 C . -2.98 16.48 -2.26
O2B AR6 C . -0.73 18.75 1.18
C2D AR6 C . -6.90 18.48 3.61
O2D AR6 C . -7.41 19.36 4.59
C3' AR6 C . 0.83 16.24 -4.09
O3' AR6 C . 1.50 17.37 -4.59
O3A AR6 C . -2.30 16.99 0.09
C3D AR6 C . -5.43 18.13 3.83
O3D AR6 C . -5.07 17.79 5.17
C4' AR6 C . 1.14 15.93 -2.62
O4' AR6 C . 1.77 14.62 -2.61
C4D AR6 C . -4.79 19.44 3.33
O4D AR6 C . -5.63 19.87 2.22
C5' AR6 C . -0.03 15.87 -1.69
O5' AR6 C . -0.68 17.21 -1.75
C5D AR6 C . -3.37 19.39 2.89
O5D AR6 C . -3.25 18.54 1.68
ZN ZN D . -14.12 13.61 30.05
S SO4 E . 40.63 11.93 8.08
O1 SO4 E . 39.78 13.03 7.68
O2 SO4 E . 40.24 11.48 9.44
O3 SO4 E . 41.98 12.40 8.09
O4 SO4 E . 40.49 10.84 7.13
S SO4 F . 15.18 20.98 -9.01
O1 SO4 F . 16.06 22.10 -9.17
O2 SO4 F . 13.83 21.44 -8.82
O3 SO4 F . 15.61 20.21 -7.87
O4 SO4 F . 15.24 20.16 -10.18
S SO4 G . 12.46 32.46 16.63
O1 SO4 G . 11.67 33.46 15.97
O2 SO4 G . 12.32 32.58 18.05
O3 SO4 G . 13.84 32.62 16.27
O4 SO4 G . 12.02 31.14 16.22
S SO4 H . 0.39 31.57 8.95
O1 SO4 H . 0.72 32.95 8.71
O2 SO4 H . 0.27 31.36 10.37
O3 SO4 H . 1.45 30.73 8.43
O4 SO4 H . -0.85 31.24 8.30
S SO4 I . 5.89 -5.79 7.24
O1 SO4 I . 6.52 -6.43 8.35
O2 SO4 I . 4.89 -4.88 7.71
O3 SO4 I . 6.89 -5.04 6.48
O4 SO4 I . 5.29 -6.76 6.34
C4 HW2 J . -11.54 17.10 4.50
C5 HW2 J . -10.47 16.39 5.30
C6 HW2 J . -10.04 17.41 6.32
C3 HW2 J . -12.18 16.20 3.37
CBA HW2 J . -8.99 11.55 3.73
CAY HW2 J . -7.64 11.58 3.38
OAZ HW2 J . -6.60 11.52 4.25
CAW HW2 J . -7.30 11.60 2.03
OAX HW2 J . -6.02 11.61 1.70
CAV HW2 J . -8.27 11.66 1.06
CAU HW2 J . -9.63 11.68 1.42
CAT HW2 J . -9.99 11.69 2.75
CAH HW2 J . -11.41 11.64 3.06
OAI HW2 J . -12.25 11.20 2.03
CAJ HW2 J . -13.61 11.03 2.16
CAK HW2 J . -14.39 10.53 1.11
CAL HW2 J . -15.77 10.32 1.26
OAM HW2 J . -16.53 9.83 0.24
CAN HW2 J . -16.38 10.64 2.47
CAO HW2 J . -15.61 11.15 3.51
OAP HW2 J . -16.16 11.47 4.71
CAQ HW2 J . -14.22 11.36 3.38
CAR HW2 J . -13.44 11.87 4.40
OAS HW2 J . -13.97 12.30 5.41
CAG HW2 J . -12.06 11.99 4.22
O1 HW2 J . -11.40 12.68 5.17
C1 HW2 J . -11.23 14.13 4.68
O5 HW2 J . -11.05 15.12 5.81
O6 HW2 J . -8.62 17.66 6.22
O4 HW2 J . -10.89 18.28 3.96
O3 HW2 J . -13.50 16.71 3.09
C2 HW2 J . -12.34 14.68 3.67
O2 HW2 J . -12.37 14.00 2.36
C1 EDO K . -13.78 3.43 2.38
O1 EDO K . -13.02 3.12 1.23
C2 EDO K . -13.35 4.68 3.01
O2 EDO K . -14.04 5.78 2.46
C1 EDO L . -15.17 13.53 -2.73
O1 EDO L . -15.73 14.42 -3.67
C2 EDO L . -15.92 12.25 -2.59
O2 EDO L . -15.40 11.43 -1.57
C1 EDO M . 6.29 6.15 -12.71
O1 EDO M . 7.18 6.82 -13.58
C2 EDO M . 6.21 4.65 -12.87
O2 EDO M . 5.50 3.97 -11.82
C1 EDO N . -8.33 22.48 7.27
O1 EDO N . -7.39 23.12 8.14
C2 EDO N . -8.18 22.94 5.87
O2 EDO N . -8.48 21.92 4.93
N1 AR6 O . -10.44 -5.45 -3.41
C2 AR6 O . -11.26 -6.15 -4.19
N3 AR6 O . -11.45 -6.06 -5.50
C4 AR6 O . -10.64 -5.13 -6.03
C5 AR6 O . -9.74 -4.31 -5.37
C6 AR6 O . -9.64 -4.50 -3.99
N6 AR6 O . -8.77 -3.81 -3.22
N7 AR6 O . -9.11 -3.44 -6.26
C8 AR6 O . -9.61 -3.76 -7.45
N9 AR6 O . -10.55 -4.77 -7.35
PA AR6 O . -9.19 -6.44 -13.87
PB AR6 O . -7.42 -8.79 -14.07
C1' AR6 O . -11.25 -5.49 -8.41
O1A AR6 O . -9.99 -6.92 -15.06
O1B AR6 O . -6.23 -9.18 -13.26
C1D AR6 O . -5.31 -7.32 -18.70
O1D AR6 O . -5.31 -7.23 -20.07
C2' AR6 O . -11.90 -4.66 -9.50
O2' AR6 O . -13.23 -4.54 -9.06
O2A AR6 O . -8.86 -5.02 -13.64
O2B AR6 O . -8.68 -9.57 -13.82
C2D AR6 O . -3.96 -7.87 -18.23
O2D AR6 O . -3.47 -8.90 -19.07
C3' AR6 O . -11.77 -5.55 -10.76
O3' AR6 O . -13.02 -6.19 -10.92
O3A AR6 O . -7.77 -7.23 -13.81
C3D AR6 O . -4.29 -8.61 -16.95
O3D AR6 O . -3.25 -9.51 -16.61
C4' AR6 O . -10.67 -6.56 -10.40
O4' AR6 O . -10.27 -6.30 -9.05
C4D AR6 O . -5.59 -9.27 -17.42
O4D AR6 O . -6.26 -8.26 -18.22
C5' AR6 O . -9.47 -6.47 -11.29
O5' AR6 O . -9.90 -6.99 -12.60
C5D AR6 O . -6.50 -9.78 -16.34
O5D AR6 O . -7.01 -8.65 -15.59
ZN ZN P . 20.62 -20.07 -21.94
S SO4 Q . -6.16 6.13 -8.44
O1 SO4 Q . -6.36 6.87 -7.20
O2 SO4 Q . -7.03 6.81 -9.42
O3 SO4 Q . -4.82 6.24 -8.81
O4 SO4 Q . -6.61 4.80 -8.31
S SO4 R . -24.36 -12.00 -3.64
O1 SO4 R . -23.63 -11.05 -2.84
O2 SO4 R . -25.76 -11.76 -3.51
O3 SO4 R . -24.09 -13.34 -3.18
O4 SO4 R . -23.96 -11.86 -5.03
S SO4 S . -18.90 -33.41 19.84
O1 SO4 S . -18.78 -32.16 20.56
O2 SO4 S . -19.64 -34.36 20.63
O3 SO4 S . -17.57 -33.93 19.53
O4 SO4 S . -19.61 -33.17 18.62
S SO4 T . -10.61 -21.98 -21.93
O1 SO4 T . -11.54 -21.16 -21.21
O2 SO4 T . -9.65 -22.57 -21.00
O3 SO4 T . -9.91 -21.17 -22.89
O4 SO4 T . -11.31 -23.03 -22.59
C4 HW2 U . -0.11 -5.10 -20.75
C5 HW2 U . 0.29 -5.80 -19.45
C6 HW2 U . 0.40 -7.32 -19.68
C3 HW2 U . -0.16 -3.53 -20.67
CBA HW2 U . 0.86 -3.37 -14.98
CAY HW2 U . -0.01 -3.89 -13.98
OAZ HW2 U . 0.28 -5.03 -13.26
CAW HW2 U . -1.20 -3.18 -13.68
OAX HW2 U . -2.10 -3.64 -12.76
CAV HW2 U . -1.57 -2.07 -14.42
CAU HW2 U . -0.73 -1.56 -15.37
CAT HW2 U . 0.47 -2.21 -15.71
CAH HW2 U . 1.25 -1.55 -16.68
OAI HW2 U . 1.00 -0.21 -16.73
CAJ HW2 U . 1.52 0.63 -17.67
CAK HW2 U . 0.99 1.91 -17.83
CAL HW2 U . 1.54 2.78 -18.75
OAM HW2 U . 1.01 4.01 -18.88
CAN HW2 U . 2.63 2.37 -19.53
CAO HW2 U . 3.14 1.08 -19.36
OAP HW2 U . 4.19 0.64 -20.10
CAQ HW2 U . 2.63 0.20 -18.40
CAR HW2 U . 3.06 -1.12 -18.25
OAS HW2 U . 3.87 -1.60 -19.04
CAG HW2 U . 2.31 -1.98 -17.45
O1 HW2 U . 2.50 -3.31 -17.61
C1 HW2 U . 1.28 -3.82 -18.41
O5 HW2 U . 1.55 -5.17 -18.98
O6 HW2 U . -0.47 -8.03 -18.75
O4 HW2 U . -1.42 -5.59 -21.18
O3 HW2 U . 0.29 -2.96 -21.94
C2 HW2 U . 0.67 -2.82 -19.54
O2 HW2 U . -0.24 -1.75 -19.02
#